data_8VEA
#
_entry.id   8VEA
#
_cell.length_a   115.335
_cell.length_b   115.335
_cell.length_c   59.994
_cell.angle_alpha   90.000
_cell.angle_beta   90.000
_cell.angle_gamma   120.000
#
_symmetry.space_group_name_H-M   'P 63'
#
_entity_poly.entity_id   1
_entity_poly.type   'polypeptide(L)'
_entity_poly.pdbx_seq_one_letter_code
;GFEEALELTIRAKEEGDPRLLERALEILERRLKEAQERGDLHLVLTIALLLAAIAHRLGDPRYLEVAVRVLEEAIREALE
RGDVQLVYNLVEVLLHVARLLGDPRVFRFMLHILLEAYRIARENGDEQILIEIVHLFTEVIRG
;
_entity_poly.pdbx_strand_id   A,B,C
#
# COMPACT_ATOMS: atom_id res chain seq x y z
N GLY A 1 20.47 -15.40 3.37
CA GLY A 1 20.00 -16.32 2.35
C GLY A 1 19.49 -15.60 1.11
N PHE A 2 18.86 -14.45 1.33
CA PHE A 2 18.38 -13.61 0.25
C PHE A 2 19.44 -12.65 -0.27
N GLU A 3 20.56 -12.53 0.44
CA GLU A 3 21.55 -11.51 0.15
C GLU A 3 22.15 -11.68 -1.24
N GLU A 4 22.47 -12.92 -1.62
CA GLU A 4 23.09 -13.15 -2.92
C GLU A 4 22.13 -12.79 -4.05
N ALA A 5 20.84 -13.11 -3.89
CA ALA A 5 19.88 -12.77 -4.92
C ALA A 5 19.67 -11.26 -5.02
N LEU A 6 19.67 -10.56 -3.88
CA LEU A 6 19.51 -9.12 -3.91
C LEU A 6 20.71 -8.43 -4.55
N GLU A 7 21.92 -8.91 -4.25
CA GLU A 7 23.11 -8.33 -4.86
C GLU A 7 23.14 -8.62 -6.36
N LEU A 8 22.83 -9.85 -6.76
CA LEU A 8 22.83 -10.20 -8.17
C LEU A 8 21.81 -9.39 -8.96
N THR A 9 20.71 -9.00 -8.32
CA THR A 9 19.69 -8.21 -9.01
C THR A 9 20.19 -6.80 -9.27
N ILE A 10 20.78 -6.16 -8.26
CA ILE A 10 21.39 -4.85 -8.44
C ILE A 10 22.51 -4.95 -9.46
N ARG A 11 23.32 -6.01 -9.36
CA ARG A 11 24.46 -6.18 -10.24
C ARG A 11 24.02 -6.38 -11.69
N ALA A 12 22.89 -7.06 -11.91
CA ALA A 12 22.40 -7.27 -13.26
C ALA A 12 21.82 -5.99 -13.85
N LYS A 13 21.23 -5.13 -13.01
CA LYS A 13 20.67 -3.88 -13.50
C LYS A 13 21.77 -2.92 -13.93
N GLU A 14 22.77 -2.73 -13.08
CA GLU A 14 23.81 -1.74 -13.37
C GLU A 14 24.77 -2.22 -14.43
N GLU A 15 25.20 -3.48 -14.37
CA GLU A 15 26.10 -4.02 -15.38
C GLU A 15 25.37 -4.46 -16.65
N GLY A 16 24.04 -4.53 -16.63
CA GLY A 16 23.31 -4.96 -17.80
C GLY A 16 23.67 -6.37 -18.22
N ASP A 17 23.78 -7.27 -17.24
CA ASP A 17 24.17 -8.65 -17.47
C ASP A 17 23.02 -9.55 -17.03
N PRO A 18 22.08 -9.88 -17.93
CA PRO A 18 20.94 -10.71 -17.53
C PRO A 18 21.32 -12.13 -17.11
N ARG A 19 22.57 -12.55 -17.34
CA ARG A 19 23.01 -13.84 -16.80
C ARG A 19 23.01 -13.82 -15.28
N LEU A 20 23.13 -12.65 -14.67
CA LEU A 20 23.09 -12.55 -13.22
C LEU A 20 21.66 -12.70 -12.70
N LEU A 21 20.68 -12.16 -13.43
CA LEU A 21 19.29 -12.43 -13.10
C LEU A 21 19.00 -13.92 -13.16
N GLU A 22 19.51 -14.59 -14.20
CA GLU A 22 19.29 -16.02 -14.34
C GLU A 22 19.97 -16.81 -13.24
N ARG A 23 21.16 -16.37 -12.82
CA ARG A 23 21.83 -17.03 -11.70
C ARG A 23 21.02 -16.89 -10.41
N ALA A 24 20.50 -15.70 -10.15
CA ALA A 24 19.73 -15.47 -8.93
C ALA A 24 18.42 -16.24 -8.96
N LEU A 25 17.79 -16.31 -10.14
CA LEU A 25 16.57 -17.11 -10.28
C LEU A 25 16.83 -18.58 -10.03
N GLU A 26 18.03 -19.07 -10.39
CA GLU A 26 18.40 -20.44 -10.08
C GLU A 26 18.53 -20.63 -8.57
N ILE A 27 19.26 -19.74 -7.90
CA ILE A 27 19.40 -19.80 -6.44
C ILE A 27 18.02 -19.77 -5.79
N LEU A 28 17.17 -18.84 -6.21
CA LEU A 28 15.88 -18.68 -5.57
C LEU A 28 14.97 -19.87 -5.87
N GLU A 29 15.13 -20.51 -7.02
CA GLU A 29 14.34 -21.70 -7.32
C GLU A 29 14.79 -22.89 -6.50
N ARG A 30 16.09 -23.04 -6.28
CA ARG A 30 16.57 -24.08 -5.38
C ARG A 30 16.01 -23.88 -3.97
N ARG A 31 16.11 -22.65 -3.46
CA ARG A 31 15.67 -22.36 -2.10
C ARG A 31 14.17 -22.57 -1.94
N LEU A 32 13.39 -22.15 -2.95
CA LEU A 32 11.94 -22.29 -2.90
C LEU A 32 11.51 -23.74 -2.84
N LYS A 33 12.25 -24.64 -3.50
CA LYS A 33 11.96 -26.06 -3.38
C LYS A 33 12.33 -26.59 -2.00
N GLU A 34 13.44 -26.11 -1.44
CA GLU A 34 13.85 -26.53 -0.10
C GLU A 34 12.84 -26.11 0.95
N ALA A 35 12.21 -24.94 0.75
CA ALA A 35 11.20 -24.49 1.70
C ALA A 35 9.81 -25.03 1.40
N GLN A 36 9.55 -25.44 0.15
CA GLN A 36 8.31 -26.14 -0.15
C GLN A 36 8.26 -27.50 0.54
N GLU A 37 9.26 -28.33 0.28
CA GLU A 37 9.61 -29.36 1.24
C GLU A 37 9.86 -28.71 2.60
N ARG A 38 9.89 -29.53 3.65
CA ARG A 38 10.05 -29.02 5.02
C ARG A 38 8.78 -28.30 5.48
N GLY A 39 7.99 -27.79 4.54
CA GLY A 39 6.76 -27.11 4.86
C GLY A 39 6.91 -25.73 5.42
N ASP A 40 7.98 -25.01 5.05
CA ASP A 40 8.22 -23.67 5.59
C ASP A 40 7.50 -22.68 4.69
N LEU A 41 6.19 -22.61 4.87
CA LEU A 41 5.35 -21.81 3.96
C LEU A 41 5.56 -20.32 4.14
N HIS A 42 6.04 -19.88 5.31
CA HIS A 42 6.34 -18.46 5.48
C HIS A 42 7.53 -18.04 4.63
N LEU A 43 8.53 -18.93 4.50
CA LEU A 43 9.68 -18.63 3.65
C LEU A 43 9.33 -18.77 2.18
N VAL A 44 8.50 -19.76 1.84
CA VAL A 44 8.00 -19.91 0.48
C VAL A 44 7.33 -18.63 0.01
N LEU A 45 6.59 -17.97 0.91
CA LEU A 45 5.96 -16.69 0.61
C LEU A 45 6.98 -15.69 0.07
N THR A 46 8.05 -15.46 0.80
CA THR A 46 8.98 -14.40 0.43
C THR A 46 9.87 -14.80 -0.74
N ILE A 47 10.34 -16.06 -0.77
CA ILE A 47 11.13 -16.51 -1.91
C ILE A 47 10.34 -16.35 -3.20
N ALA A 48 9.09 -16.81 -3.20
CA ALA A 48 8.26 -16.71 -4.39
C ALA A 48 8.03 -15.26 -4.78
N LEU A 49 7.85 -14.38 -3.79
CA LEU A 49 7.73 -12.96 -4.09
C LEU A 49 8.99 -12.47 -4.80
N LEU A 50 10.16 -12.75 -4.25
CA LEU A 50 11.40 -12.26 -4.82
C LEU A 50 11.67 -12.92 -6.17
N LEU A 51 11.42 -14.23 -6.25
CA LEU A 51 11.57 -14.96 -7.51
C LEU A 51 10.79 -14.31 -8.62
N ALA A 52 9.52 -13.98 -8.35
CA ALA A 52 8.66 -13.41 -9.38
C ALA A 52 9.08 -12.00 -9.76
N ALA A 53 9.54 -11.20 -8.79
CA ALA A 53 9.96 -9.85 -9.11
C ALA A 53 11.19 -9.85 -10.02
N ILE A 54 12.15 -10.74 -9.76
CA ILE A 54 13.32 -10.81 -10.64
C ILE A 54 12.93 -11.39 -11.99
N ALA A 55 12.12 -12.46 -11.99
CA ALA A 55 11.65 -13.03 -13.25
C ALA A 55 10.96 -11.98 -14.10
N HIS A 56 10.24 -11.05 -13.47
CA HIS A 56 9.55 -10.01 -14.21
C HIS A 56 10.55 -9.07 -14.86
N ARG A 57 11.64 -8.73 -14.17
CA ARG A 57 12.68 -7.90 -14.77
C ARG A 57 13.36 -8.60 -15.94
N LEU A 58 13.65 -9.90 -15.81
CA LEU A 58 14.31 -10.63 -16.88
C LEU A 58 13.43 -10.74 -18.13
N GLY A 59 12.11 -10.66 -17.96
CA GLY A 59 11.20 -10.86 -19.07
C GLY A 59 10.91 -12.30 -19.40
N ASP A 60 11.10 -13.20 -18.43
CA ASP A 60 10.88 -14.62 -18.65
C ASP A 60 9.67 -15.06 -17.84
N PRO A 61 8.51 -15.30 -18.46
CA PRO A 61 7.32 -15.71 -17.68
C PRO A 61 7.46 -17.07 -17.03
N ARG A 62 8.43 -17.89 -17.43
CA ARG A 62 8.55 -19.24 -16.88
C ARG A 62 8.67 -19.20 -15.36
N TYR A 63 9.56 -18.34 -14.85
CA TYR A 63 9.78 -18.29 -13.41
C TYR A 63 8.57 -17.68 -12.70
N LEU A 64 7.85 -16.78 -13.37
CA LEU A 64 6.59 -16.30 -12.82
C LEU A 64 5.60 -17.44 -12.65
N GLU A 65 5.57 -18.38 -13.60
CA GLU A 65 4.65 -19.50 -13.53
C GLU A 65 5.04 -20.47 -12.43
N VAL A 66 6.34 -20.64 -12.17
CA VAL A 66 6.78 -21.48 -11.07
C VAL A 66 6.37 -20.87 -9.74
N ALA A 67 6.56 -19.55 -9.59
CA ALA A 67 6.13 -18.87 -8.37
C ALA A 67 4.64 -19.01 -8.16
N VAL A 68 3.84 -18.89 -9.23
CA VAL A 68 2.40 -19.09 -9.12
C VAL A 68 2.08 -20.50 -8.62
N ARG A 69 2.67 -21.51 -9.28
CA ARG A 69 2.34 -22.88 -8.95
C ARG A 69 2.74 -23.22 -7.52
N VAL A 70 3.90 -22.75 -7.08
CA VAL A 70 4.34 -23.03 -5.71
C VAL A 70 3.49 -22.26 -4.71
N LEU A 71 3.15 -21.01 -5.01
CA LEU A 71 2.30 -20.24 -4.11
C LEU A 71 0.92 -20.87 -3.99
N GLU A 72 0.41 -21.44 -5.09
CA GLU A 72 -0.91 -22.04 -5.06
C GLU A 72 -0.93 -23.31 -4.22
N GLU A 73 0.14 -24.10 -4.29
CA GLU A 73 0.21 -25.31 -3.47
C GLU A 73 0.44 -24.96 -2.00
N ALA A 74 1.23 -23.93 -1.73
CA ALA A 74 1.41 -23.51 -0.34
C ALA A 74 0.12 -22.96 0.24
N ILE A 75 -0.70 -22.30 -0.59
CA ILE A 75 -1.99 -21.81 -0.13
C ILE A 75 -2.92 -22.96 0.20
N ARG A 76 -2.94 -23.99 -0.64
CA ARG A 76 -3.82 -25.13 -0.39
C ARG A 76 -3.42 -25.86 0.89
N GLU A 77 -2.11 -25.98 1.15
CA GLU A 77 -1.66 -26.61 2.38
C GLU A 77 -2.00 -25.75 3.58
N ALA A 78 -1.70 -24.44 3.49
CA ALA A 78 -2.01 -23.54 4.59
C ALA A 78 -3.50 -23.44 4.84
N LEU A 79 -4.32 -23.67 3.81
CA LEU A 79 -5.76 -23.69 4.01
C LEU A 79 -6.22 -25.00 4.63
N GLU A 80 -5.58 -26.11 4.28
CA GLU A 80 -5.87 -27.38 4.96
C GLU A 80 -5.46 -27.31 6.43
N ARG A 81 -4.34 -26.64 6.71
CA ARG A 81 -3.93 -26.40 8.10
C ARG A 81 -4.97 -25.58 8.86
N GLY A 82 -5.79 -24.80 8.16
CA GLY A 82 -6.67 -23.86 8.81
C GLY A 82 -5.96 -22.66 9.39
N ASP A 83 -4.89 -22.21 8.73
CA ASP A 83 -4.05 -21.16 9.31
C ASP A 83 -4.64 -19.77 9.06
N VAL A 84 -5.20 -19.56 7.88
CA VAL A 84 -5.95 -18.35 7.53
C VAL A 84 -5.04 -17.12 7.48
N GLN A 85 -4.27 -16.88 8.54
CA GLN A 85 -3.30 -15.78 8.48
C GLN A 85 -2.22 -16.08 7.45
N LEU A 86 -1.67 -17.30 7.49
CA LEU A 86 -0.69 -17.69 6.48
C LEU A 86 -1.30 -17.67 5.09
N VAL A 87 -2.55 -18.14 4.97
CA VAL A 87 -3.26 -18.09 3.69
C VAL A 87 -3.40 -16.64 3.23
N TYR A 88 -3.75 -15.74 4.14
CA TYR A 88 -3.90 -14.33 3.79
C TYR A 88 -2.59 -13.74 3.29
N ASN A 89 -1.50 -13.99 4.02
CA ASN A 89 -0.21 -13.46 3.61
C ASN A 89 0.28 -14.14 2.34
N LEU A 90 -0.06 -15.42 2.14
CA LEU A 90 0.30 -16.10 0.91
C LEU A 90 -0.46 -15.53 -0.28
N VAL A 91 -1.77 -15.30 -0.11
CA VAL A 91 -2.57 -14.73 -1.19
C VAL A 91 -2.09 -13.33 -1.54
N GLU A 92 -1.74 -12.54 -0.52
CA GLU A 92 -1.21 -11.19 -0.76
C GLU A 92 -0.05 -11.23 -1.76
N VAL A 93 0.89 -12.16 -1.57
CA VAL A 93 2.00 -12.30 -2.50
C VAL A 93 1.50 -12.74 -3.86
N LEU A 94 0.63 -13.77 -3.89
CA LEU A 94 0.13 -14.27 -5.15
C LEU A 94 -0.59 -13.16 -5.93
N LEU A 95 -1.21 -12.22 -5.21
CA LEU A 95 -1.87 -11.09 -5.87
C LEU A 95 -0.86 -10.23 -6.61
N HIS A 96 0.25 -9.90 -5.96
CA HIS A 96 1.29 -9.13 -6.63
C HIS A 96 1.86 -9.90 -7.83
N VAL A 97 2.00 -11.22 -7.69
CA VAL A 97 2.52 -12.02 -8.79
C VAL A 97 1.52 -12.08 -9.94
N ALA A 98 0.24 -12.29 -9.63
CA ALA A 98 -0.77 -12.34 -10.67
C ALA A 98 -0.91 -11.00 -11.37
N ARG A 99 -0.67 -9.90 -10.65
CA ARG A 99 -0.71 -8.59 -11.28
C ARG A 99 0.41 -8.45 -12.30
N LEU A 100 1.58 -9.01 -11.99
CA LEU A 100 2.69 -8.97 -12.93
C LEU A 100 2.41 -9.85 -14.14
N LEU A 101 1.95 -11.09 -13.90
CA LEU A 101 1.79 -12.05 -14.96
C LEU A 101 0.65 -11.67 -15.90
N GLY A 102 -0.48 -11.25 -15.34
CA GLY A 102 -1.64 -10.93 -16.15
C GLY A 102 -2.50 -12.12 -16.51
N ASP A 103 -2.41 -13.20 -15.74
CA ASP A 103 -3.18 -14.41 -16.04
C ASP A 103 -4.51 -14.32 -15.30
N PRO A 104 -5.64 -14.30 -15.99
CA PRO A 104 -6.93 -14.15 -15.30
C PRO A 104 -7.25 -15.29 -14.35
N ARG A 105 -6.84 -16.51 -14.68
CA ARG A 105 -7.24 -17.65 -13.87
C ARG A 105 -6.55 -17.67 -12.50
N VAL A 106 -5.45 -16.95 -12.34
CA VAL A 106 -4.85 -16.82 -11.01
C VAL A 106 -5.73 -15.99 -10.11
N PHE A 107 -6.42 -14.98 -10.66
CA PHE A 107 -7.34 -14.19 -9.87
C PHE A 107 -8.55 -14.99 -9.46
N ARG A 108 -9.04 -15.85 -10.36
CA ARG A 108 -10.14 -16.75 -10.02
C ARG A 108 -9.76 -17.65 -8.85
N PHE A 109 -8.54 -18.21 -8.88
CA PHE A 109 -8.09 -19.04 -7.78
C PHE A 109 -8.11 -18.27 -6.47
N MET A 110 -7.67 -17.02 -6.49
CA MET A 110 -7.61 -16.23 -5.25
C MET A 110 -9.00 -15.91 -4.73
N LEU A 111 -9.98 -15.70 -5.62
CA LEU A 111 -11.33 -15.41 -5.15
C LEU A 111 -11.90 -16.58 -4.37
N HIS A 112 -11.68 -17.80 -4.84
CA HIS A 112 -12.19 -18.97 -4.14
C HIS A 112 -11.49 -19.17 -2.81
N ILE A 113 -10.16 -18.99 -2.79
CA ILE A 113 -9.41 -19.17 -1.56
C ILE A 113 -9.86 -18.16 -0.50
N LEU A 114 -10.00 -16.90 -0.90
CA LEU A 114 -10.41 -15.88 0.06
C LEU A 114 -11.80 -16.17 0.63
N LEU A 115 -12.74 -16.60 -0.22
CA LEU A 115 -14.07 -16.94 0.27
C LEU A 115 -14.02 -18.08 1.27
N GLU A 116 -13.18 -19.09 1.00
CA GLU A 116 -13.03 -20.19 1.94
C GLU A 116 -12.35 -19.75 3.23
N ALA A 117 -11.31 -18.92 3.11
CA ALA A 117 -10.64 -18.41 4.29
C ALA A 117 -11.57 -17.52 5.12
N TYR A 118 -12.50 -16.82 4.46
CA TYR A 118 -13.50 -16.06 5.20
C TYR A 118 -14.41 -16.99 5.99
N ARG A 119 -14.73 -18.15 5.43
CA ARG A 119 -15.61 -19.08 6.12
C ARG A 119 -14.92 -19.71 7.33
N ILE A 120 -13.63 -20.03 7.18
CA ILE A 120 -12.89 -20.59 8.30
C ILE A 120 -12.72 -19.54 9.39
N ALA A 121 -12.41 -18.30 8.98
CA ALA A 121 -12.26 -17.23 9.96
C ALA A 121 -13.58 -16.83 10.59
N ARG A 122 -14.70 -17.00 9.87
CA ARG A 122 -16.00 -16.68 10.44
C ARG A 122 -16.38 -17.68 11.53
N GLU A 123 -16.20 -18.97 11.26
CA GLU A 123 -16.56 -19.99 12.23
C GLU A 123 -15.55 -20.09 13.36
N ASN A 124 -14.28 -19.74 13.09
CA ASN A 124 -13.29 -19.60 14.15
C ASN A 124 -13.61 -18.40 15.03
N GLY A 125 -14.09 -17.31 14.42
CA GLY A 125 -14.46 -16.13 15.18
C GLY A 125 -13.40 -15.06 15.27
N ASP A 126 -12.51 -14.97 14.29
CA ASP A 126 -11.46 -13.96 14.29
C ASP A 126 -11.93 -12.80 13.41
N GLU A 127 -12.35 -11.71 14.05
CA GLU A 127 -13.03 -10.64 13.34
C GLU A 127 -12.06 -9.82 12.49
N GLN A 128 -10.89 -9.48 13.04
CA GLN A 128 -9.98 -8.60 12.32
C GLN A 128 -9.52 -9.21 11.00
N ILE A 129 -9.25 -10.51 10.98
CA ILE A 129 -8.83 -11.14 9.74
C ILE A 129 -10.01 -11.31 8.80
N LEU A 130 -11.22 -11.40 9.35
CA LEU A 130 -12.42 -11.45 8.51
C LEU A 130 -12.52 -10.20 7.65
N ILE A 131 -12.24 -9.04 8.25
CA ILE A 131 -12.25 -7.78 7.50
C ILE A 131 -11.04 -7.70 6.58
N GLU A 132 -9.89 -8.17 7.05
CA GLU A 132 -8.69 -8.13 6.21
C GLU A 132 -8.85 -9.00 4.96
N ILE A 133 -9.60 -10.10 5.08
CA ILE A 133 -9.84 -10.96 3.92
C ILE A 133 -10.78 -10.28 2.94
N VAL A 134 -11.82 -9.62 3.44
CA VAL A 134 -12.74 -8.91 2.55
C VAL A 134 -12.00 -7.81 1.80
N HIS A 135 -11.11 -7.09 2.49
CA HIS A 135 -10.35 -6.03 1.84
C HIS A 135 -9.46 -6.58 0.76
N LEU A 136 -8.75 -7.67 1.04
CA LEU A 136 -7.94 -8.32 0.03
C LEU A 136 -8.80 -8.83 -1.12
N PHE A 137 -10.05 -9.19 -0.82
CA PHE A 137 -10.98 -9.62 -1.87
C PHE A 137 -11.32 -8.48 -2.81
N THR A 138 -11.55 -7.28 -2.28
CA THR A 138 -11.85 -6.13 -3.15
C THR A 138 -10.70 -5.81 -4.07
N GLU A 139 -9.46 -6.11 -3.65
CA GLU A 139 -8.31 -5.86 -4.50
C GLU A 139 -8.19 -6.90 -5.62
N VAL A 140 -8.61 -8.15 -5.37
CA VAL A 140 -8.48 -9.18 -6.38
C VAL A 140 -9.48 -8.97 -7.50
N ILE A 141 -10.72 -8.61 -7.16
CA ILE A 141 -11.75 -8.42 -8.18
C ILE A 141 -11.45 -7.23 -9.09
N ARG A 142 -10.53 -6.35 -8.70
CA ARG A 142 -10.14 -5.27 -9.59
C ARG A 142 -9.40 -5.85 -10.79
N GLY A 143 -8.21 -6.41 -10.57
CA GLY A 143 -7.42 -6.97 -11.65
C GLY A 143 -5.98 -6.54 -11.58
N GLY B 1 -24.84 -9.64 4.47
CA GLY B 1 -23.52 -9.95 4.98
C GLY B 1 -22.45 -9.98 3.90
N PHE B 2 -21.20 -10.20 4.29
CA PHE B 2 -20.11 -10.25 3.32
C PHE B 2 -20.10 -11.55 2.53
N GLU B 3 -20.40 -12.68 3.19
CA GLU B 3 -20.28 -13.97 2.52
C GLU B 3 -21.18 -14.06 1.29
N GLU B 4 -22.41 -13.57 1.41
CA GLU B 4 -23.32 -13.61 0.27
C GLU B 4 -22.79 -12.77 -0.89
N ALA B 5 -22.19 -11.62 -0.57
CA ALA B 5 -21.61 -10.78 -1.62
C ALA B 5 -20.43 -11.48 -2.29
N LEU B 6 -19.56 -12.10 -1.49
CA LEU B 6 -18.39 -12.74 -2.07
C LEU B 6 -18.79 -13.95 -2.91
N GLU B 7 -19.82 -14.68 -2.48
CA GLU B 7 -20.32 -15.79 -3.28
C GLU B 7 -20.94 -15.30 -4.57
N LEU B 8 -21.77 -14.26 -4.49
CA LEU B 8 -22.42 -13.72 -5.69
C LEU B 8 -21.40 -13.16 -6.67
N THR B 9 -20.31 -12.57 -6.16
CA THR B 9 -19.26 -12.05 -7.04
C THR B 9 -18.60 -13.18 -7.81
N ILE B 10 -18.21 -14.23 -7.11
CA ILE B 10 -17.64 -15.40 -7.75
C ILE B 10 -18.65 -16.05 -8.68
N ARG B 11 -19.90 -16.20 -8.21
CA ARG B 11 -20.94 -16.83 -9.02
C ARG B 11 -21.22 -16.05 -10.29
N ALA B 12 -21.02 -14.75 -10.29
CA ALA B 12 -21.27 -13.95 -11.47
C ALA B 12 -20.05 -13.81 -12.37
N LYS B 13 -18.88 -14.24 -11.92
CA LYS B 13 -17.77 -14.41 -12.85
C LYS B 13 -17.91 -15.73 -13.60
N GLU B 14 -18.15 -16.81 -12.85
CA GLU B 14 -18.35 -18.13 -13.41
C GLU B 14 -19.52 -18.11 -14.38
N GLU B 15 -20.73 -18.18 -13.84
CA GLU B 15 -21.93 -17.90 -14.62
C GLU B 15 -21.83 -16.49 -15.19
N GLY B 16 -22.11 -16.36 -16.48
CA GLY B 16 -22.01 -15.06 -17.11
C GLY B 16 -23.21 -14.19 -16.80
N ASP B 17 -23.36 -13.79 -15.54
CA ASP B 17 -24.61 -13.21 -15.05
C ASP B 17 -24.31 -11.96 -14.23
N PRO B 18 -24.30 -10.78 -14.86
CA PRO B 18 -24.10 -9.55 -14.09
C PRO B 18 -25.24 -9.22 -13.14
N ARG B 19 -26.39 -9.89 -13.25
CA ARG B 19 -27.46 -9.68 -12.27
C ARG B 19 -26.98 -10.03 -10.86
N LEU B 20 -26.02 -10.94 -10.73
CA LEU B 20 -25.54 -11.32 -9.41
C LEU B 20 -24.66 -10.23 -8.80
N LEU B 21 -23.93 -9.47 -9.63
CA LEU B 21 -23.30 -8.24 -9.14
C LEU B 21 -24.35 -7.27 -8.63
N GLU B 22 -25.42 -7.09 -9.40
CA GLU B 22 -26.48 -6.16 -9.00
C GLU B 22 -27.15 -6.61 -7.71
N ARG B 23 -27.36 -7.91 -7.55
CA ARG B 23 -27.96 -8.42 -6.33
C ARG B 23 -27.04 -8.17 -5.13
N ALA B 24 -25.73 -8.38 -5.30
CA ALA B 24 -24.79 -8.11 -4.23
C ALA B 24 -24.79 -6.62 -3.86
N LEU B 25 -24.73 -5.76 -4.87
CA LEU B 25 -24.77 -4.32 -4.63
C LEU B 25 -26.01 -3.93 -3.85
N GLU B 26 -27.14 -4.59 -4.11
CA GLU B 26 -28.36 -4.27 -3.39
C GLU B 26 -28.26 -4.66 -1.92
N ILE B 27 -27.69 -5.84 -1.63
CA ILE B 27 -27.54 -6.26 -0.24
C ILE B 27 -26.59 -5.34 0.49
N LEU B 28 -25.43 -5.05 -0.11
CA LEU B 28 -24.42 -4.21 0.53
C LEU B 28 -24.92 -2.78 0.71
N GLU B 29 -25.75 -2.29 -0.20
CA GLU B 29 -26.32 -0.96 -0.02
C GLU B 29 -27.30 -0.95 1.15
N ARG B 30 -28.05 -2.06 1.33
CA ARG B 30 -28.89 -2.19 2.52
C ARG B 30 -28.05 -2.22 3.78
N ARG B 31 -27.02 -3.07 3.79
CA ARG B 31 -26.17 -3.20 4.98
C ARG B 31 -25.46 -1.90 5.30
N LEU B 32 -25.05 -1.16 4.27
CA LEU B 32 -24.32 0.09 4.48
C LEU B 32 -25.20 1.13 5.16
N LYS B 33 -26.47 1.22 4.75
CA LYS B 33 -27.38 2.13 5.43
C LYS B 33 -27.63 1.67 6.86
N GLU B 34 -27.79 0.36 7.06
CA GLU B 34 -27.98 -0.17 8.41
C GLU B 34 -26.78 0.11 9.28
N ALA B 35 -25.57 0.10 8.71
CA ALA B 35 -24.38 0.38 9.50
C ALA B 35 -24.22 1.87 9.77
N GLN B 36 -24.46 2.71 8.75
CA GLN B 36 -24.43 4.15 8.95
C GLN B 36 -25.45 4.58 10.01
N GLU B 37 -26.67 4.04 9.92
CA GLU B 37 -27.69 4.36 10.89
C GLU B 37 -27.24 4.04 12.31
N ARG B 38 -26.71 2.82 12.51
CA ARG B 38 -26.25 2.41 13.84
C ARG B 38 -25.02 3.17 14.29
N GLY B 39 -24.33 3.88 13.39
CA GLY B 39 -23.08 4.49 13.73
C GLY B 39 -21.90 3.54 13.68
N ASP B 40 -22.08 2.39 13.02
CA ASP B 40 -21.06 1.35 12.96
C ASP B 40 -20.04 1.74 11.89
N LEU B 41 -19.19 2.70 12.25
CA LEU B 41 -18.34 3.33 11.25
C LEU B 41 -17.24 2.41 10.76
N HIS B 42 -16.84 1.42 11.57
CA HIS B 42 -15.81 0.48 11.15
C HIS B 42 -16.34 -0.48 10.09
N LEU B 43 -17.61 -0.90 10.21
CA LEU B 43 -18.24 -1.71 9.18
C LEU B 43 -18.61 -0.86 7.97
N VAL B 44 -19.04 0.38 8.18
CA VAL B 44 -19.28 1.30 7.09
C VAL B 44 -18.07 1.35 6.17
N LEU B 45 -16.88 1.30 6.78
CA LEU B 45 -15.63 1.35 6.03
C LEU B 45 -15.51 0.17 5.05
N THR B 46 -15.78 -1.05 5.55
CA THR B 46 -15.52 -2.23 4.73
C THR B 46 -16.65 -2.46 3.72
N ILE B 47 -17.89 -2.19 4.12
CA ILE B 47 -19.00 -2.33 3.18
C ILE B 47 -18.83 -1.38 2.00
N ALA B 48 -18.54 -0.10 2.28
CA ALA B 48 -18.35 0.88 1.21
C ALA B 48 -17.21 0.47 0.29
N LEU B 49 -16.12 -0.06 0.85
CA LEU B 49 -15.00 -0.50 0.04
C LEU B 49 -15.39 -1.66 -0.87
N LEU B 50 -16.12 -2.63 -0.32
CA LEU B 50 -16.57 -3.75 -1.14
C LEU B 50 -17.64 -3.31 -2.13
N LEU B 51 -18.58 -2.47 -1.69
CA LEU B 51 -19.61 -1.95 -2.59
C LEU B 51 -19.00 -1.23 -3.79
N ALA B 52 -17.98 -0.41 -3.54
CA ALA B 52 -17.38 0.38 -4.61
C ALA B 52 -16.62 -0.50 -5.58
N ALA B 53 -15.95 -1.54 -5.07
CA ALA B 53 -15.21 -2.44 -5.94
C ALA B 53 -16.16 -3.26 -6.80
N ILE B 54 -17.28 -3.71 -6.23
CA ILE B 54 -18.28 -4.42 -7.01
C ILE B 54 -19.04 -3.46 -7.92
N ALA B 55 -19.15 -2.19 -7.54
CA ALA B 55 -19.77 -1.21 -8.42
C ALA B 55 -18.84 -0.77 -9.53
N HIS B 56 -17.53 -0.78 -9.29
CA HIS B 56 -16.59 -0.47 -10.36
C HIS B 56 -16.67 -1.50 -11.47
N ARG B 57 -16.57 -2.78 -11.11
CA ARG B 57 -17.04 -3.82 -12.00
C ARG B 57 -18.54 -3.61 -12.25
N LEU B 58 -19.03 -4.08 -13.39
CA LEU B 58 -20.39 -3.77 -13.83
C LEU B 58 -20.51 -2.31 -14.28
N GLY B 59 -19.81 -1.40 -13.62
CA GLY B 59 -19.72 -0.01 -14.07
C GLY B 59 -20.95 0.84 -13.83
N ASP B 60 -21.35 1.00 -12.57
CA ASP B 60 -22.51 1.83 -12.22
C ASP B 60 -22.08 2.90 -11.23
N PRO B 61 -22.02 4.18 -11.65
CA PRO B 61 -21.56 5.23 -10.72
C PRO B 61 -22.51 5.49 -9.57
N ARG B 62 -23.78 5.06 -9.67
CA ARG B 62 -24.74 5.29 -8.58
C ARG B 62 -24.21 4.74 -7.27
N TYR B 63 -23.74 3.48 -7.27
CA TYR B 63 -23.28 2.88 -6.05
C TYR B 63 -21.98 3.51 -5.56
N LEU B 64 -21.20 4.09 -6.48
CA LEU B 64 -20.07 4.90 -6.04
C LEU B 64 -20.55 6.15 -5.30
N GLU B 65 -21.68 6.71 -5.74
CA GLU B 65 -22.20 7.93 -5.11
C GLU B 65 -22.70 7.65 -3.71
N VAL B 66 -23.51 6.61 -3.55
CA VAL B 66 -23.97 6.20 -2.23
C VAL B 66 -22.78 5.99 -1.30
N ALA B 67 -21.73 5.32 -1.82
CA ALA B 67 -20.54 5.07 -1.01
C ALA B 67 -19.85 6.36 -0.60
N VAL B 68 -19.86 7.37 -1.47
CA VAL B 68 -19.23 8.64 -1.13
C VAL B 68 -20.03 9.34 -0.03
N ARG B 69 -21.35 9.41 -0.19
CA ARG B 69 -22.16 10.16 0.77
C ARG B 69 -22.18 9.49 2.13
N VAL B 70 -22.09 8.16 2.19
CA VAL B 70 -22.09 7.48 3.48
C VAL B 70 -20.73 7.60 4.14
N LEU B 71 -19.64 7.41 3.38
CA LEU B 71 -18.31 7.56 3.92
C LEU B 71 -18.09 8.97 4.46
N GLU B 72 -18.58 9.98 3.74
CA GLU B 72 -18.43 11.35 4.20
C GLU B 72 -19.14 11.59 5.53
N GLU B 73 -20.33 11.02 5.69
CA GLU B 73 -21.03 11.18 6.96
C GLU B 73 -20.38 10.37 8.06
N ALA B 74 -19.83 9.19 7.72
CA ALA B 74 -19.06 8.45 8.70
C ALA B 74 -17.79 9.17 9.07
N ILE B 75 -17.19 9.90 8.13
CA ILE B 75 -15.99 10.68 8.43
C ILE B 75 -16.33 11.85 9.35
N ARG B 76 -17.43 12.55 9.06
CA ARG B 76 -17.81 13.68 9.91
C ARG B 76 -18.08 13.23 11.34
N GLU B 77 -18.71 12.07 11.52
CA GLU B 77 -18.96 11.58 12.87
C GLU B 77 -17.67 11.16 13.56
N ALA B 78 -16.79 10.46 12.83
CA ALA B 78 -15.50 10.07 13.40
C ALA B 78 -14.67 11.29 13.75
N LEU B 79 -14.81 12.38 12.99
CA LEU B 79 -14.07 13.60 13.29
C LEU B 79 -14.68 14.32 14.49
N GLU B 80 -16.02 14.31 14.61
CA GLU B 80 -16.64 14.80 15.84
C GLU B 80 -16.12 14.02 17.04
N ARG B 81 -16.20 12.69 16.97
CA ARG B 81 -15.68 11.84 18.05
C ARG B 81 -14.20 12.07 18.30
N GLY B 82 -13.49 12.72 17.38
CA GLY B 82 -12.07 12.94 17.54
C GLY B 82 -11.22 11.72 17.30
N ASP B 83 -11.78 10.67 16.69
CA ASP B 83 -11.09 9.41 16.49
C ASP B 83 -10.22 9.55 15.24
N VAL B 84 -8.96 9.97 15.45
CA VAL B 84 -8.08 10.28 14.33
C VAL B 84 -7.73 9.04 13.53
N GLN B 85 -7.60 7.88 14.19
CA GLN B 85 -7.30 6.66 13.45
C GLN B 85 -8.47 6.27 12.55
N LEU B 86 -9.69 6.35 13.09
CA LEU B 86 -10.87 5.95 12.31
C LEU B 86 -11.07 6.85 11.11
N VAL B 87 -10.97 8.17 11.29
CA VAL B 87 -11.13 9.07 10.15
C VAL B 87 -10.01 8.84 9.15
N TYR B 88 -8.79 8.52 9.60
CA TYR B 88 -7.74 8.14 8.68
C TYR B 88 -8.13 6.94 7.83
N ASN B 89 -8.60 5.87 8.48
CA ASN B 89 -8.98 4.68 7.72
C ASN B 89 -10.21 4.95 6.85
N LEU B 90 -11.09 5.84 7.29
CA LEU B 90 -12.28 6.15 6.51
C LEU B 90 -11.92 6.96 5.27
N VAL B 91 -11.02 7.94 5.40
CA VAL B 91 -10.60 8.72 4.24
C VAL B 91 -9.84 7.86 3.25
N GLU B 92 -9.04 6.92 3.76
CA GLU B 92 -8.27 6.03 2.89
C GLU B 92 -9.20 5.31 1.91
N VAL B 93 -10.36 4.87 2.39
CA VAL B 93 -11.34 4.23 1.50
C VAL B 93 -12.00 5.25 0.58
N LEU B 94 -12.36 6.41 1.13
CA LEU B 94 -12.98 7.44 0.30
C LEU B 94 -12.05 7.90 -0.81
N LEU B 95 -10.74 7.85 -0.59
CA LEU B 95 -9.80 8.21 -1.64
C LEU B 95 -9.85 7.21 -2.78
N HIS B 96 -9.99 5.92 -2.46
CA HIS B 96 -10.10 4.91 -3.51
C HIS B 96 -11.42 5.04 -4.26
N VAL B 97 -12.50 5.33 -3.54
CA VAL B 97 -13.79 5.53 -4.20
C VAL B 97 -13.75 6.77 -5.07
N ALA B 98 -13.27 7.89 -4.51
CA ALA B 98 -13.21 9.14 -5.27
C ALA B 98 -12.29 9.02 -6.47
N ARG B 99 -11.22 8.23 -6.37
CA ARG B 99 -10.38 7.99 -7.54
C ARG B 99 -11.14 7.23 -8.62
N LEU B 100 -11.97 6.27 -8.23
CA LEU B 100 -12.83 5.60 -9.20
C LEU B 100 -13.87 6.54 -9.77
N LEU B 101 -14.51 7.32 -8.90
CA LEU B 101 -15.64 8.15 -9.34
C LEU B 101 -15.17 9.32 -10.19
N GLY B 102 -14.14 10.02 -9.74
CA GLY B 102 -13.61 11.14 -10.49
C GLY B 102 -14.29 12.47 -10.24
N ASP B 103 -14.90 12.65 -9.07
CA ASP B 103 -15.56 13.90 -8.74
C ASP B 103 -14.59 14.79 -7.97
N PRO B 104 -14.27 15.98 -8.47
CA PRO B 104 -13.29 16.83 -7.78
C PRO B 104 -13.70 17.22 -6.36
N ARG B 105 -14.99 17.43 -6.11
CA ARG B 105 -15.41 17.92 -4.80
C ARG B 105 -15.18 16.90 -3.70
N VAL B 106 -15.18 15.61 -4.02
CA VAL B 106 -14.91 14.60 -3.00
C VAL B 106 -13.48 14.72 -2.50
N PHE B 107 -12.56 15.13 -3.37
CA PHE B 107 -11.19 15.36 -2.92
C PHE B 107 -11.12 16.57 -2.01
N ARG B 108 -11.71 17.70 -2.44
CA ARG B 108 -11.76 18.90 -1.61
C ARG B 108 -12.24 18.60 -0.20
N PHE B 109 -13.29 17.79 -0.07
CA PHE B 109 -13.75 17.37 1.25
C PHE B 109 -12.63 16.71 2.03
N MET B 110 -11.87 15.82 1.38
CA MET B 110 -10.82 15.10 2.07
C MET B 110 -9.70 16.03 2.51
N LEU B 111 -9.41 17.05 1.71
CA LEU B 111 -8.37 18.03 2.07
C LEU B 111 -8.70 18.71 3.40
N HIS B 112 -9.95 19.15 3.56
CA HIS B 112 -10.32 19.85 4.78
C HIS B 112 -10.35 18.90 5.98
N ILE B 113 -10.81 17.67 5.77
CA ILE B 113 -10.87 16.71 6.86
C ILE B 113 -9.48 16.40 7.39
N LEU B 114 -8.54 16.12 6.46
CA LEU B 114 -7.19 15.74 6.87
C LEU B 114 -6.49 16.88 7.60
N LEU B 115 -6.73 18.13 7.20
CA LEU B 115 -6.17 19.25 7.93
C LEU B 115 -6.72 19.30 9.34
N GLU B 116 -8.03 19.06 9.51
CA GLU B 116 -8.61 19.02 10.84
C GLU B 116 -8.07 17.85 11.64
N ALA B 117 -7.97 16.67 11.02
CA ALA B 117 -7.41 15.53 11.72
C ALA B 117 -5.94 15.75 12.09
N TYR B 118 -5.22 16.55 11.30
CA TYR B 118 -3.86 16.89 11.68
C TYR B 118 -3.83 17.74 12.93
N ARG B 119 -4.77 18.69 13.05
CA ARG B 119 -4.82 19.52 14.25
C ARG B 119 -5.11 18.68 15.48
N ILE B 120 -6.09 17.78 15.40
CA ILE B 120 -6.40 16.93 16.53
C ILE B 120 -5.20 16.04 16.86
N ALA B 121 -4.52 15.52 15.83
CA ALA B 121 -3.36 14.66 16.09
C ALA B 121 -2.16 15.46 16.58
N ARG B 122 -2.04 16.73 16.17
CA ARG B 122 -0.96 17.58 16.67
C ARG B 122 -1.10 17.83 18.17
N GLU B 123 -2.30 18.19 18.61
CA GLU B 123 -2.52 18.49 20.02
C GLU B 123 -2.49 17.21 20.86
N ASN B 124 -2.80 16.08 20.23
CA ASN B 124 -2.72 14.78 20.90
C ASN B 124 -1.27 14.31 20.90
N GLY B 125 -1.06 13.00 20.91
CA GLY B 125 0.28 12.48 20.76
C GLY B 125 0.76 12.59 19.32
N ASP B 126 2.01 13.02 19.16
CA ASP B 126 2.61 13.18 17.85
C ASP B 126 3.05 11.83 17.29
N GLU B 127 2.11 10.89 17.23
CA GLU B 127 2.44 9.49 16.98
C GLU B 127 2.63 9.24 15.48
N GLN B 128 2.66 7.96 15.12
CA GLN B 128 2.70 7.57 13.71
C GLN B 128 1.49 8.10 12.95
N ILE B 129 0.38 8.39 13.64
CA ILE B 129 -0.79 8.93 12.98
C ILE B 129 -0.49 10.29 12.38
N LEU B 130 0.40 11.05 13.03
CA LEU B 130 0.75 12.37 12.52
C LEU B 130 1.35 12.29 11.12
N ILE B 131 2.32 11.39 10.92
CA ILE B 131 2.92 11.19 9.59
C ILE B 131 1.95 10.50 8.66
N GLU B 132 1.11 9.62 9.19
CA GLU B 132 0.12 8.93 8.36
C GLU B 132 -0.94 9.89 7.84
N ILE B 133 -1.27 10.91 8.63
CA ILE B 133 -2.19 11.93 8.15
C ILE B 133 -1.56 12.74 7.02
N VAL B 134 -0.35 13.25 7.22
CA VAL B 134 0.27 14.06 6.18
C VAL B 134 0.61 13.19 4.97
N HIS B 135 0.93 11.92 5.19
CA HIS B 135 1.16 11.03 4.05
C HIS B 135 -0.11 10.86 3.24
N LEU B 136 -1.25 10.66 3.90
CA LEU B 136 -2.51 10.55 3.19
C LEU B 136 -2.91 11.87 2.52
N PHE B 137 -2.48 12.99 3.10
CA PHE B 137 -2.72 14.29 2.47
C PHE B 137 -2.05 14.37 1.10
N THR B 138 -0.78 13.98 1.03
CA THR B 138 -0.03 14.06 -0.23
C THR B 138 -0.64 13.18 -1.30
N GLU B 139 -1.27 12.07 -0.91
CA GLU B 139 -1.91 11.20 -1.89
C GLU B 139 -3.23 11.78 -2.38
N VAL B 140 -3.92 12.55 -1.55
CA VAL B 140 -5.19 13.12 -1.98
C VAL B 140 -4.96 14.26 -2.96
N ILE B 141 -3.92 15.06 -2.73
CA ILE B 141 -3.65 16.19 -3.61
C ILE B 141 -3.15 15.76 -4.97
N ARG B 142 -2.50 14.60 -5.07
CA ARG B 142 -1.87 14.18 -6.32
C ARG B 142 -2.91 13.90 -7.40
N GLY B 143 -3.62 12.79 -7.28
CA GLY B 143 -4.62 12.42 -8.27
C GLY B 143 -5.93 11.99 -7.65
N GLY C 1 5.94 26.19 10.26
CA GLY C 1 4.54 25.85 10.45
C GLY C 1 4.07 24.71 9.56
N PHE C 2 3.91 23.52 10.14
CA PHE C 2 3.33 22.41 9.39
C PHE C 2 1.89 22.72 9.01
N GLU C 3 1.07 23.09 10.00
CA GLU C 3 -0.33 23.43 9.73
C GLU C 3 -0.44 24.53 8.70
N GLU C 4 0.49 25.49 8.73
CA GLU C 4 0.47 26.57 7.75
C GLU C 4 0.70 26.04 6.33
N ALA C 5 1.61 25.09 6.18
CA ALA C 5 1.83 24.48 4.87
C ALA C 5 0.60 23.75 4.39
N LEU C 6 -0.05 22.98 5.29
CA LEU C 6 -1.30 22.32 4.94
C LEU C 6 -2.37 23.33 4.55
N GLU C 7 -2.45 24.45 5.27
CA GLU C 7 -3.45 25.46 4.95
C GLU C 7 -3.14 26.14 3.63
N LEU C 8 -1.88 26.54 3.44
CA LEU C 8 -1.49 27.18 2.18
C LEU C 8 -1.74 26.26 1.00
N THR C 9 -1.48 24.96 1.16
CA THR C 9 -1.67 24.01 0.07
C THR C 9 -3.14 23.92 -0.33
N ILE C 10 -4.03 23.77 0.64
CA ILE C 10 -5.45 23.85 0.35
C ILE C 10 -5.79 25.22 -0.22
N ARG C 11 -5.20 26.27 0.34
CA ARG C 11 -5.50 27.63 -0.10
C ARG C 11 -5.06 27.88 -1.54
N ALA C 12 -3.99 27.20 -1.98
CA ALA C 12 -3.56 27.39 -3.36
C ALA C 12 -4.41 26.60 -4.35
N LYS C 13 -5.24 25.67 -3.86
CA LYS C 13 -6.04 24.84 -4.77
C LYS C 13 -7.31 25.56 -5.23
N GLU C 14 -8.12 26.05 -4.29
CA GLU C 14 -9.39 26.68 -4.65
C GLU C 14 -9.23 28.14 -5.02
N GLU C 15 -8.14 28.79 -4.62
CA GLU C 15 -7.84 30.13 -5.10
C GLU C 15 -6.94 30.14 -6.32
N GLY C 16 -6.42 28.98 -6.72
CA GLY C 16 -5.54 28.88 -7.87
C GLY C 16 -4.38 29.84 -7.82
N ASP C 17 -3.66 29.85 -6.70
CA ASP C 17 -2.57 30.79 -6.46
C ASP C 17 -1.31 30.01 -6.14
N PRO C 18 -0.48 29.71 -7.15
CA PRO C 18 0.77 28.95 -6.88
C PRO C 18 1.79 29.72 -6.08
N ARG C 19 1.58 31.02 -5.81
CA ARG C 19 2.47 31.72 -4.89
C ARG C 19 2.33 31.17 -3.48
N LEU C 20 1.18 30.59 -3.15
CA LEU C 20 1.00 29.98 -1.84
C LEU C 20 1.72 28.64 -1.75
N LEU C 21 1.80 27.90 -2.86
CA LEU C 21 2.65 26.72 -2.91
C LEU C 21 4.10 27.09 -2.65
N GLU C 22 4.58 28.15 -3.31
CA GLU C 22 5.96 28.58 -3.12
C GLU C 22 6.20 29.09 -1.71
N ARG C 23 5.18 29.68 -1.07
CA ARG C 23 5.32 30.13 0.30
C ARG C 23 5.41 28.95 1.27
N ALA C 24 4.59 27.92 1.05
CA ALA C 24 4.67 26.73 1.89
C ALA C 24 6.00 26.01 1.69
N LEU C 25 6.47 25.94 0.44
CA LEU C 25 7.78 25.37 0.17
C LEU C 25 8.88 26.10 0.92
N GLU C 26 8.74 27.43 1.07
CA GLU C 26 9.72 28.18 1.83
C GLU C 26 9.65 27.81 3.31
N ILE C 27 8.43 27.75 3.86
CA ILE C 27 8.26 27.40 5.27
C ILE C 27 8.80 26.00 5.53
N LEU C 28 8.50 25.06 4.64
CA LEU C 28 8.94 23.68 4.84
C LEU C 28 10.45 23.53 4.69
N GLU C 29 11.07 24.32 3.80
CA GLU C 29 12.52 24.26 3.66
C GLU C 29 13.22 24.85 4.89
N ARG C 30 12.66 25.92 5.44
CA ARG C 30 13.17 26.45 6.69
C ARG C 30 13.03 25.43 7.81
N ARG C 31 11.89 24.74 7.86
CA ARG C 31 11.66 23.76 8.92
C ARG C 31 12.58 22.55 8.77
N LEU C 32 12.87 22.13 7.53
CA LEU C 32 13.72 20.96 7.37
C LEU C 32 15.15 21.25 7.80
N LYS C 33 15.61 22.49 7.64
CA LYS C 33 16.94 22.84 8.10
C LYS C 33 17.00 22.86 9.62
N GLU C 34 15.91 23.29 10.27
CA GLU C 34 15.83 23.21 11.72
C GLU C 34 15.86 21.76 12.18
N ALA C 35 15.04 20.91 11.56
CA ALA C 35 14.92 19.53 12.00
C ALA C 35 16.19 18.74 11.72
N GLN C 36 16.76 18.88 10.51
CA GLN C 36 17.98 18.16 10.20
C GLN C 36 19.15 18.72 11.00
N GLU C 37 20.29 18.03 10.91
CA GLU C 37 21.48 18.33 11.70
C GLU C 37 21.22 18.19 13.19
N ARG C 38 20.12 18.77 13.68
CA ARG C 38 19.66 18.46 15.03
C ARG C 38 19.22 17.01 15.17
N GLY C 39 18.99 16.32 14.06
CA GLY C 39 18.50 14.96 14.08
C GLY C 39 17.07 14.89 13.60
N ASP C 40 16.17 14.42 14.47
CA ASP C 40 14.73 14.36 14.21
C ASP C 40 14.44 13.87 12.79
N LEU C 41 15.04 12.72 12.48
CA LEU C 41 14.86 12.09 11.18
C LEU C 41 13.41 11.73 10.92
N HIS C 42 12.59 11.63 11.98
CA HIS C 42 11.19 11.33 11.81
C HIS C 42 10.43 12.52 11.24
N LEU C 43 10.79 13.73 11.68
CA LEU C 43 10.13 14.93 11.16
C LEU C 43 10.69 15.32 9.80
N VAL C 44 11.98 15.06 9.58
CA VAL C 44 12.56 15.19 8.24
C VAL C 44 11.76 14.37 7.25
N LEU C 45 11.35 13.17 7.65
CA LEU C 45 10.55 12.31 6.79
C LEU C 45 9.19 12.93 6.48
N THR C 46 8.57 13.62 7.45
CA THR C 46 7.23 14.13 7.21
C THR C 46 7.24 15.30 6.23
N ILE C 47 8.06 16.31 6.54
CA ILE C 47 8.04 17.54 5.75
C ILE C 47 8.65 17.33 4.37
N ALA C 48 9.65 16.46 4.24
CA ALA C 48 10.18 16.16 2.92
C ALA C 48 9.10 15.53 2.04
N LEU C 49 8.24 14.72 2.66
CA LEU C 49 7.14 14.11 1.91
C LEU C 49 6.11 15.17 1.50
N LEU C 50 5.78 16.08 2.41
CA LEU C 50 4.86 17.16 2.07
C LEU C 50 5.50 18.14 1.09
N LEU C 51 6.78 18.44 1.28
CA LEU C 51 7.47 19.39 0.39
C LEU C 51 7.45 18.90 -1.05
N ALA C 52 7.79 17.62 -1.27
CA ALA C 52 7.84 17.10 -2.63
C ALA C 52 6.46 16.97 -3.24
N ALA C 53 5.42 16.83 -2.41
CA ALA C 53 4.07 16.69 -2.94
C ALA C 53 3.57 18.00 -3.52
N ILE C 54 3.68 19.09 -2.76
CA ILE C 54 3.25 20.38 -3.27
C ILE C 54 4.24 20.94 -4.28
N ALA C 55 5.49 20.46 -4.25
CA ALA C 55 6.43 20.81 -5.32
C ALA C 55 6.03 20.15 -6.63
N HIS C 56 5.58 18.90 -6.57
CA HIS C 56 5.07 18.23 -7.76
C HIS C 56 3.87 18.98 -8.33
N ARG C 57 2.97 19.46 -7.47
CA ARG C 57 1.84 20.26 -7.94
C ARG C 57 2.33 21.55 -8.61
N LEU C 58 3.30 22.22 -7.99
CA LEU C 58 3.82 23.46 -8.56
C LEU C 58 4.51 23.23 -9.90
N GLY C 59 4.98 22.01 -10.14
CA GLY C 59 5.70 21.72 -11.36
C GLY C 59 7.17 22.08 -11.32
N ASP C 60 7.75 22.17 -10.12
CA ASP C 60 9.13 22.61 -9.95
C ASP C 60 9.99 21.43 -9.50
N PRO C 61 10.83 20.86 -10.37
CA PRO C 61 11.66 19.73 -9.94
C PRO C 61 12.67 20.08 -8.87
N ARG C 62 13.00 21.36 -8.68
CA ARG C 62 14.06 21.74 -7.75
C ARG C 62 13.76 21.25 -6.34
N TYR C 63 12.53 21.46 -5.88
CA TYR C 63 12.19 21.07 -4.52
C TYR C 63 12.04 19.56 -4.39
N LEU C 64 11.67 18.87 -5.48
CA LEU C 64 11.76 17.42 -5.48
C LEU C 64 13.21 16.97 -5.25
N GLU C 65 14.19 17.76 -5.73
CA GLU C 65 15.59 17.39 -5.57
C GLU C 65 16.05 17.55 -4.13
N VAL C 66 15.66 18.63 -3.45
CA VAL C 66 16.11 18.82 -2.07
C VAL C 66 15.43 17.80 -1.16
N ALA C 67 14.15 17.48 -1.43
CA ALA C 67 13.50 16.41 -0.71
C ALA C 67 14.25 15.11 -0.86
N VAL C 68 14.74 14.84 -2.07
CA VAL C 68 15.56 13.64 -2.30
C VAL C 68 16.86 13.72 -1.51
N ARG C 69 17.61 14.82 -1.68
CA ARG C 69 18.93 14.89 -1.07
C ARG C 69 18.85 14.89 0.45
N VAL C 70 17.78 15.44 1.04
CA VAL C 70 17.66 15.40 2.49
C VAL C 70 17.24 14.01 2.95
N LEU C 71 16.34 13.36 2.19
CA LEU C 71 15.96 11.98 2.53
C LEU C 71 17.16 11.05 2.42
N GLU C 72 18.00 11.22 1.40
CA GLU C 72 19.15 10.35 1.23
C GLU C 72 20.13 10.50 2.39
N GLU C 73 20.39 11.74 2.82
CA GLU C 73 21.31 11.94 3.94
C GLU C 73 20.69 11.49 5.25
N ALA C 74 19.37 11.55 5.38
CA ALA C 74 18.72 10.99 6.55
C ALA C 74 18.82 9.48 6.56
N ILE C 75 18.71 8.86 5.39
CA ILE C 75 18.85 7.41 5.29
C ILE C 75 20.26 6.98 5.65
N ARG C 76 21.27 7.72 5.20
CA ARG C 76 22.64 7.37 5.52
C ARG C 76 22.92 7.54 7.01
N GLU C 77 22.37 8.57 7.64
CA GLU C 77 22.54 8.76 9.07
C GLU C 77 21.81 7.68 9.86
N ALA C 78 20.55 7.42 9.51
CA ALA C 78 19.81 6.35 10.17
C ALA C 78 20.47 4.99 9.93
N LEU C 79 21.13 4.81 8.79
CA LEU C 79 21.84 3.57 8.54
C LEU C 79 23.13 3.50 9.36
N GLU C 80 23.78 4.64 9.59
CA GLU C 80 24.91 4.68 10.52
C GLU C 80 24.45 4.36 11.94
N ARG C 81 23.30 4.92 12.34
CA ARG C 81 22.73 4.66 13.66
C ARG C 81 22.38 3.19 13.87
N GLY C 82 22.17 2.45 12.80
CA GLY C 82 21.70 1.09 12.90
C GLY C 82 20.21 0.95 13.08
N ASP C 83 19.46 2.04 12.91
CA ASP C 83 18.00 2.02 13.05
C ASP C 83 17.40 1.52 11.75
N VAL C 84 17.24 0.20 11.65
CA VAL C 84 16.83 -0.38 10.38
C VAL C 84 15.34 -0.13 10.11
N GLN C 85 14.54 0.02 11.16
CA GLN C 85 13.15 0.41 10.95
C GLN C 85 13.06 1.82 10.40
N LEU C 86 13.97 2.71 10.82
CA LEU C 86 13.91 4.10 10.37
C LEU C 86 14.35 4.24 8.91
N VAL C 87 15.37 3.48 8.51
CA VAL C 87 15.76 3.52 7.10
C VAL C 87 14.66 2.92 6.23
N TYR C 88 13.92 1.95 6.74
CA TYR C 88 12.83 1.37 5.96
C TYR C 88 11.74 2.41 5.70
N ASN C 89 11.33 3.12 6.75
CA ASN C 89 10.30 4.15 6.58
C ASN C 89 10.82 5.32 5.76
N LEU C 90 12.13 5.60 5.85
CA LEU C 90 12.70 6.66 5.04
C LEU C 90 12.75 6.27 3.56
N VAL C 91 13.16 5.02 3.27
CA VAL C 91 13.20 4.57 1.88
C VAL C 91 11.79 4.49 1.31
N GLU C 92 10.81 4.13 2.13
CA GLU C 92 9.43 4.08 1.68
C GLU C 92 8.97 5.45 1.16
N VAL C 93 9.34 6.53 1.86
CA VAL C 93 8.99 7.86 1.40
C VAL C 93 9.85 8.25 0.20
N LEU C 94 11.12 7.82 0.19
CA LEU C 94 12.00 8.13 -0.93
C LEU C 94 11.56 7.44 -2.21
N LEU C 95 10.83 6.32 -2.09
CA LEU C 95 10.30 5.68 -3.29
C LEU C 95 9.17 6.49 -3.88
N HIS C 96 8.34 7.10 -3.04
CA HIS C 96 7.22 7.89 -3.53
C HIS C 96 7.73 9.14 -4.26
N VAL C 97 8.79 9.76 -3.73
CA VAL C 97 9.31 10.96 -4.38
C VAL C 97 10.10 10.58 -5.62
N ALA C 98 10.82 9.45 -5.57
CA ALA C 98 11.52 8.96 -6.75
C ALA C 98 10.55 8.65 -7.87
N ARG C 99 9.36 8.15 -7.53
CA ARG C 99 8.34 7.94 -8.54
C ARG C 99 7.89 9.27 -9.14
N LEU C 100 7.79 10.30 -8.31
CA LEU C 100 7.41 11.62 -8.81
C LEU C 100 8.53 12.24 -9.65
N LEU C 101 9.77 12.14 -9.15
CA LEU C 101 10.88 12.79 -9.84
C LEU C 101 11.22 12.08 -11.15
N GLY C 102 11.21 10.74 -11.15
CA GLY C 102 11.49 9.99 -12.35
C GLY C 102 12.96 9.88 -12.69
N ASP C 103 13.86 10.09 -11.72
CA ASP C 103 15.28 9.93 -11.95
C ASP C 103 15.66 8.48 -11.72
N PRO C 104 16.34 7.83 -12.68
CA PRO C 104 16.77 6.44 -12.44
C PRO C 104 17.75 6.30 -11.30
N ARG C 105 18.50 7.36 -10.99
CA ARG C 105 19.60 7.22 -10.05
C ARG C 105 19.11 7.04 -8.62
N VAL C 106 17.98 7.67 -8.27
CA VAL C 106 17.47 7.52 -6.90
C VAL C 106 17.00 6.10 -6.64
N PHE C 107 16.52 5.41 -7.70
CA PHE C 107 16.16 4.01 -7.56
C PHE C 107 17.40 3.16 -7.31
N ARG C 108 18.52 3.50 -7.97
CA ARG C 108 19.76 2.78 -7.71
C ARG C 108 20.21 2.97 -6.27
N PHE C 109 20.11 4.19 -5.77
CA PHE C 109 20.44 4.45 -4.37
C PHE C 109 19.62 3.57 -3.44
N MET C 110 18.32 3.45 -3.69
CA MET C 110 17.44 2.72 -2.80
C MET C 110 17.75 1.23 -2.81
N LEU C 111 18.14 0.69 -3.97
CA LEU C 111 18.48 -0.73 -4.05
C LEU C 111 19.72 -1.05 -3.23
N HIS C 112 20.71 -0.17 -3.26
CA HIS C 112 21.92 -0.39 -2.47
C HIS C 112 21.64 -0.25 -0.98
N ILE C 113 20.86 0.75 -0.59
CA ILE C 113 20.55 0.95 0.82
C ILE C 113 19.80 -0.24 1.37
N LEU C 114 18.82 -0.75 0.61
CA LEU C 114 18.04 -1.90 1.09
C LEU C 114 18.88 -3.15 1.21
N LEU C 115 19.89 -3.32 0.34
CA LEU C 115 20.78 -4.46 0.47
C LEU C 115 21.65 -4.34 1.72
N GLU C 116 22.11 -3.13 2.01
CA GLU C 116 22.87 -2.91 3.23
C GLU C 116 22.01 -3.17 4.46
N ALA C 117 20.84 -2.52 4.53
CA ALA C 117 19.97 -2.68 5.68
C ALA C 117 19.61 -4.14 5.94
N TYR C 118 19.49 -4.95 4.88
CA TYR C 118 19.27 -6.38 5.07
C TYR C 118 20.46 -7.03 5.77
N ARG C 119 21.68 -6.62 5.40
CA ARG C 119 22.86 -7.17 6.03
C ARG C 119 22.94 -6.79 7.50
N ILE C 120 22.80 -5.49 7.81
CA ILE C 120 22.75 -5.05 9.20
C ILE C 120 21.64 -5.79 9.94
N ALA C 121 20.47 -5.90 9.32
CA ALA C 121 19.37 -6.59 9.98
C ALA C 121 19.63 -8.08 10.10
N ARG C 122 20.36 -8.67 9.15
CA ARG C 122 20.66 -10.09 9.25
C ARG C 122 21.64 -10.36 10.39
N GLU C 123 22.67 -9.52 10.52
CA GLU C 123 23.63 -9.69 11.61
C GLU C 123 23.03 -9.30 12.96
N ASN C 124 22.10 -8.35 12.96
CA ASN C 124 21.38 -8.04 14.20
C ASN C 124 20.38 -9.13 14.56
N GLY C 125 19.88 -9.86 13.56
CA GLY C 125 18.93 -10.92 13.81
C GLY C 125 17.55 -10.41 14.14
N ASP C 126 16.98 -9.61 13.25
CA ASP C 126 15.67 -9.03 13.50
C ASP C 126 14.54 -9.83 12.86
N GLU C 127 14.84 -10.65 11.85
CA GLU C 127 13.87 -11.53 11.21
C GLU C 127 12.76 -10.77 10.49
N GLN C 128 11.84 -10.18 11.24
CA GLN C 128 10.68 -9.53 10.63
C GLN C 128 11.08 -8.41 9.68
N ILE C 129 12.13 -7.65 10.04
CA ILE C 129 12.59 -6.59 9.16
C ILE C 129 13.21 -7.16 7.90
N LEU C 130 13.94 -8.28 8.03
CA LEU C 130 14.56 -8.91 6.85
C LEU C 130 13.51 -9.16 5.78
N ILE C 131 12.37 -9.69 6.18
CA ILE C 131 11.28 -9.94 5.24
C ILE C 131 10.71 -8.63 4.72
N GLU C 132 10.53 -7.64 5.61
CA GLU C 132 9.98 -6.37 5.18
C GLU C 132 10.93 -5.63 4.24
N ILE C 133 12.24 -5.79 4.43
CA ILE C 133 13.19 -5.20 3.50
C ILE C 133 13.05 -5.84 2.13
N VAL C 134 13.03 -7.17 2.08
CA VAL C 134 12.92 -7.87 0.80
C VAL C 134 11.61 -7.50 0.09
N HIS C 135 10.52 -7.37 0.86
CA HIS C 135 9.25 -6.97 0.27
C HIS C 135 9.32 -5.57 -0.34
N LEU C 136 9.94 -4.63 0.37
CA LEU C 136 10.12 -3.30 -0.20
C LEU C 136 11.05 -3.34 -1.41
N PHE C 137 12.03 -4.23 -1.39
CA PHE C 137 12.97 -4.36 -2.52
C PHE C 137 12.23 -4.72 -3.80
N THR C 138 11.28 -5.66 -3.72
CA THR C 138 10.48 -6.00 -4.89
C THR C 138 9.63 -4.84 -5.38
N GLU C 139 9.32 -3.88 -4.50
CA GLU C 139 8.60 -2.69 -4.95
C GLU C 139 9.51 -1.70 -5.66
N VAL C 140 10.77 -1.61 -5.24
CA VAL C 140 11.67 -0.61 -5.79
C VAL C 140 12.09 -0.99 -7.20
N ILE C 141 12.34 -2.28 -7.44
CA ILE C 141 12.79 -2.70 -8.77
C ILE C 141 11.68 -2.57 -9.80
N ARG C 142 10.42 -2.53 -9.37
CA ARG C 142 9.37 -2.24 -10.33
C ARG C 142 9.46 -0.78 -10.77
N GLY C 143 9.15 0.15 -9.87
CA GLY C 143 9.20 1.56 -10.21
C GLY C 143 8.05 2.37 -9.60
#